data_8EJP
#
_entry.id   8EJP
#
_cell.length_a   74.499
_cell.length_b   74.499
_cell.length_c   99.688
_cell.angle_alpha   90.000
_cell.angle_beta   90.000
_cell.angle_gamma   90.000
#
_symmetry.space_group_name_H-M   'P 43 21 2'
#
loop_
_entity.id
_entity.type
_entity.pdbx_description
1 polymer 'Homeobox domain-containing protein'
2 polymer "DNA (5'-D(*GP*CP*GP*TP*AP*AP*TP*CP*TP*AP*AP*TP*CP*AP*AP*CP*A)-3')"
3 polymer "DNA (5'-D(*TP*GP*TP*TP*GP*AP*TP*TP*AP*GP*AP*TP*TP*AP*CP*GP*C)-3')"
4 non-polymer 1,2-ETHANEDIOL
5 water water
#
loop_
_entity_poly.entity_id
_entity_poly.type
_entity_poly.pdbx_seq_one_letter_code
_entity_poly.pdbx_strand_id
1 'polypeptide(L)' GPAREGARRKRTTFNKTQLEILVKSFNKDPYPGIGVREHLASLIQIPESRIQVWFQNRRARQLGQKKKLEV A,B
2 'polydeoxyribonucleotide' (DG)(DC)(DG)(DT)(DA)(DA)(DT)(DC)(DT)(DA)(DA)(DT)(DC)(DA)(DA)(DC)(DA) C
3 'polydeoxyribonucleotide' (DT)(DG)(BRU)(DT)(DG)(DA)(DT)(DT)(DA)(DG)(DA)(DT)(DT)(DA)(DC)(DG)(DC) D
#
# COMPACT_ATOMS: atom_id res chain seq x y z
N ALA A 7 10.45 0.85 -12.45
CA ALA A 7 9.18 0.96 -13.16
C ALA A 7 8.03 1.15 -12.18
N ARG A 8 7.15 2.10 -12.49
CA ARG A 8 6.00 2.40 -11.66
C ARG A 8 4.82 1.51 -12.00
N ARG A 9 3.90 1.39 -11.04
CA ARG A 9 2.68 0.65 -11.29
C ARG A 9 1.77 1.46 -12.22
N LYS A 10 0.88 0.75 -12.91
CA LYS A 10 -0.09 1.41 -13.78
C LYS A 10 -1.04 2.27 -12.96
N ARG A 11 -1.34 3.45 -13.49
CA ARG A 11 -2.16 4.42 -12.78
C ARG A 11 -3.54 3.85 -12.50
N THR A 12 -3.92 3.84 -11.22
CA THR A 12 -5.24 3.34 -10.84
C THR A 12 -6.31 4.28 -11.35
N THR A 13 -7.39 3.70 -11.88
CA THR A 13 -8.50 4.46 -12.45
C THR A 13 -9.73 4.30 -11.57
N PHE A 14 -10.37 5.41 -11.24
CA PHE A 14 -11.60 5.43 -10.47
C PHE A 14 -12.74 5.93 -11.34
N ASN A 15 -13.87 5.23 -11.30
CA ASN A 15 -15.05 5.65 -12.02
C ASN A 15 -15.84 6.64 -11.16
N LYS A 16 -17.03 7.04 -11.63
CA LYS A 16 -17.82 8.02 -10.89
C LYS A 16 -18.27 7.47 -9.54
N THR A 17 -18.72 6.21 -9.51
CA THR A 17 -19.27 5.65 -8.28
C THR A 17 -18.18 5.48 -7.22
N GLN A 18 -17.02 4.97 -7.60
CA GLN A 18 -15.92 4.81 -6.65
C GLN A 18 -15.48 6.16 -6.08
N LEU A 19 -15.35 7.16 -6.95
CA LEU A 19 -14.98 8.50 -6.48
C LEU A 19 -16.04 9.08 -5.57
N GLU A 20 -17.32 8.85 -5.88
CA GLU A 20 -18.40 9.35 -5.03
C GLU A 20 -18.33 8.72 -3.64
N ILE A 21 -18.17 7.40 -3.58
CA ILE A 21 -18.10 6.72 -2.29
C ILE A 21 -16.88 7.19 -1.50
N LEU A 22 -15.73 7.32 -2.18
CA LEU A 22 -14.52 7.78 -1.51
C LEU A 22 -14.67 9.20 -0.99
N VAL A 23 -15.30 10.09 -1.77
CA VAL A 23 -15.45 11.48 -1.36
C VAL A 23 -16.44 11.60 -0.20
N LYS A 24 -17.51 10.80 -0.21
CA LYS A 24 -18.42 10.80 0.93
C LYS A 24 -17.72 10.32 2.19
N SER A 25 -16.97 9.21 2.09
CA SER A 25 -16.23 8.73 3.25
C SER A 25 -15.19 9.74 3.72
N PHE A 26 -14.60 10.49 2.79
CA PHE A 26 -13.62 11.51 3.14
C PHE A 26 -14.28 12.67 3.87
N ASN A 27 -15.45 13.12 3.38
CA ASN A 27 -16.19 14.18 4.07
C ASN A 27 -16.65 13.73 5.44
N LYS A 28 -16.91 12.44 5.61
CA LYS A 28 -17.24 11.93 6.95
C LYS A 28 -16.01 11.95 7.85
N ASP A 29 -14.91 11.34 7.41
CA ASP A 29 -13.69 11.31 8.21
C ASP A 29 -12.47 11.32 7.29
N PRO A 30 -11.64 12.38 7.34
CA PRO A 30 -10.45 12.43 6.48
C PRO A 30 -9.31 11.53 6.92
N TYR A 31 -9.34 10.99 8.14
CA TYR A 31 -8.30 10.09 8.64
C TYR A 31 -8.94 8.75 9.02
N PRO A 32 -9.28 7.93 8.02
CA PRO A 32 -9.93 6.65 8.31
C PRO A 32 -8.95 5.62 8.85
N GLY A 33 -9.45 4.79 9.77
CA GLY A 33 -8.69 3.69 10.29
C GLY A 33 -8.56 2.56 9.27
N ILE A 34 -7.81 1.53 9.67
CA ILE A 34 -7.58 0.40 8.78
C ILE A 34 -8.88 -0.35 8.49
N GLY A 35 -9.79 -0.40 9.47
CA GLY A 35 -11.04 -1.11 9.25
C GLY A 35 -11.89 -0.46 8.16
N VAL A 36 -12.02 0.86 8.22
CA VAL A 36 -12.83 1.57 7.23
C VAL A 36 -12.16 1.52 5.86
N ARG A 37 -10.82 1.58 5.82
CA ARG A 37 -10.13 1.48 4.54
C ARG A 37 -10.33 0.10 3.92
N GLU A 38 -10.26 -0.95 4.72
CA GLU A 38 -10.51 -2.30 4.20
C GLU A 38 -11.97 -2.46 3.78
N HIS A 39 -12.89 -1.83 4.51
CA HIS A 39 -14.30 -1.86 4.12
C HIS A 39 -14.52 -1.19 2.77
N LEU A 40 -13.94 -0.01 2.58
CA LEU A 40 -14.04 0.66 1.28
C LEU A 40 -13.36 -0.17 0.19
N ALA A 41 -12.25 -0.84 0.53
CA ALA A 41 -11.57 -1.69 -0.44
C ALA A 41 -12.48 -2.82 -0.90
N SER A 42 -13.18 -3.47 0.03
CA SER A 42 -14.10 -4.53 -0.35
C SER A 42 -15.33 -3.99 -1.06
N LEU A 43 -15.73 -2.75 -0.74
CA LEU A 43 -16.95 -2.19 -1.32
C LEU A 43 -16.74 -1.79 -2.77
N ILE A 44 -15.72 -0.97 -3.05
CA ILE A 44 -15.50 -0.46 -4.40
C ILE A 44 -14.50 -1.30 -5.19
N GLN A 45 -14.01 -2.40 -4.61
CA GLN A 45 -13.07 -3.31 -5.28
C GLN A 45 -11.81 -2.57 -5.75
N ILE A 46 -11.09 -2.02 -4.77
CA ILE A 46 -9.81 -1.36 -4.99
C ILE A 46 -8.88 -1.79 -3.87
N PRO A 47 -7.60 -2.09 -4.14
CA PRO A 47 -6.69 -2.46 -3.06
C PRO A 47 -6.60 -1.37 -2.00
N GLU A 48 -6.44 -1.80 -0.75
CA GLU A 48 -6.48 -0.87 0.38
C GLU A 48 -5.34 0.14 0.34
N SER A 49 -4.16 -0.28 -0.14
CA SER A 49 -3.06 0.67 -0.27
C SER A 49 -3.42 1.81 -1.21
N ARG A 50 -4.13 1.50 -2.29
CA ARG A 50 -4.57 2.54 -3.21
C ARG A 50 -5.51 3.52 -2.52
N ILE A 51 -6.36 3.02 -1.62
CA ILE A 51 -7.29 3.91 -0.92
C ILE A 51 -6.55 4.78 0.08
N GLN A 52 -5.55 4.23 0.77
CA GLN A 52 -4.73 5.05 1.65
C GLN A 52 -4.01 6.15 0.89
N VAL A 53 -3.47 5.80 -0.30
CA VAL A 53 -2.81 6.81 -1.13
C VAL A 53 -3.80 7.86 -1.59
N TRP A 54 -5.02 7.45 -1.95
CA TRP A 54 -6.04 8.41 -2.36
C TRP A 54 -6.39 9.36 -1.23
N PHE A 55 -6.55 8.84 -0.01
CA PHE A 55 -6.86 9.70 1.13
C PHE A 55 -5.73 10.67 1.40
N GLN A 56 -4.48 10.20 1.31
CA GLN A 56 -3.34 11.09 1.55
C GLN A 56 -3.28 12.18 0.48
N ASN A 57 -3.50 11.83 -0.79
CA ASN A 57 -3.52 12.85 -1.84
C ASN A 57 -4.65 13.85 -1.66
N ARG A 58 -5.83 13.36 -1.24
CA ARG A 58 -6.95 14.26 -0.97
C ARG A 58 -6.62 15.25 0.13
N ARG A 59 -6.15 14.75 1.28
CA ARG A 59 -5.72 15.65 2.34
C ARG A 59 -4.61 16.57 1.87
N ALA A 60 -3.79 16.13 0.93
CA ALA A 60 -2.73 16.96 0.40
C ALA A 60 -3.28 18.13 -0.41
N ARG A 61 -4.32 17.88 -1.23
N ARG A 61 -4.29 17.88 -1.25
CA ARG A 61 -4.92 18.99 -2.01
CA ARG A 61 -4.91 19.01 -1.98
C ARG A 61 -5.58 19.94 -1.02
C ARG A 61 -5.53 19.95 -0.96
N GLN A 62 -6.56 19.46 -0.26
CA GLN A 62 -7.21 20.23 0.87
C GLN A 62 -6.31 20.35 2.14
N ALA B 7 -6.37 2.44 15.44
CA ALA B 7 -6.88 2.58 14.09
C ALA B 7 -5.88 2.06 13.06
N ARG B 8 -4.75 1.57 13.55
CA ARG B 8 -3.69 1.06 12.69
C ARG B 8 -3.92 -0.41 12.37
N ARG B 9 -3.30 -0.86 11.28
CA ARG B 9 -3.36 -2.27 10.90
C ARG B 9 -2.50 -3.11 11.85
N LYS B 10 -2.82 -4.39 11.91
CA LYS B 10 -2.02 -5.30 12.72
C LYS B 10 -0.59 -5.35 12.18
N ARG B 11 0.37 -5.31 13.09
CA ARG B 11 1.77 -5.24 12.70
C ARG B 11 2.17 -6.49 11.92
N THR B 12 2.65 -6.29 10.70
CA THR B 12 3.08 -7.41 9.86
C THR B 12 4.34 -8.05 10.43
N THR B 13 4.37 -9.37 10.45
CA THR B 13 5.49 -10.14 10.97
C THR B 13 6.17 -10.87 9.82
N PHE B 14 7.50 -10.79 9.77
CA PHE B 14 8.30 -11.47 8.77
C PHE B 14 9.12 -12.56 9.47
N ASN B 15 9.13 -13.76 8.90
CA ASN B 15 9.93 -14.84 9.46
C ASN B 15 11.35 -14.76 8.90
N LYS B 16 12.18 -15.75 9.23
CA LYS B 16 13.58 -15.73 8.82
C LYS B 16 13.73 -15.83 7.31
N THR B 17 12.95 -16.70 6.66
CA THR B 17 13.09 -16.89 5.22
C THR B 17 12.66 -15.65 4.45
N GLN B 18 11.54 -15.05 4.84
CA GLN B 18 11.08 -13.84 4.18
C GLN B 18 12.07 -12.70 4.34
N LEU B 19 12.61 -12.53 5.55
CA LEU B 19 13.60 -11.48 5.78
C LEU B 19 14.87 -11.73 4.98
N GLU B 20 15.30 -12.99 4.88
CA GLU B 20 16.49 -13.32 4.10
C GLU B 20 16.29 -12.96 2.62
N ILE B 21 15.14 -13.37 2.07
CA ILE B 21 14.86 -13.06 0.67
C ILE B 21 14.78 -11.56 0.45
N LEU B 22 14.13 -10.84 1.37
CA LEU B 22 14.02 -9.39 1.24
C LEU B 22 15.38 -8.71 1.31
N VAL B 23 16.27 -9.19 2.20
CA VAL B 23 17.58 -8.58 2.34
C VAL B 23 18.43 -8.87 1.10
N LYS B 24 18.30 -10.07 0.53
CA LYS B 24 19.00 -10.38 -0.72
C LYS B 24 18.54 -9.45 -1.84
N SER B 25 17.22 -9.29 -1.99
CA SER B 25 16.70 -8.41 -3.03
C SER B 25 17.10 -6.96 -2.78
N PHE B 26 17.19 -6.55 -1.52
CA PHE B 26 17.60 -5.18 -1.19
C PHE B 26 19.06 -4.95 -1.55
N ASN B 27 19.93 -5.91 -1.22
CA ASN B 27 21.33 -5.79 -1.61
C ASN B 27 21.50 -5.82 -3.11
N LYS B 28 20.61 -6.51 -3.83
CA LYS B 28 20.64 -6.46 -5.28
C LYS B 28 20.22 -5.08 -5.80
N ASP B 29 19.04 -4.62 -5.38
CA ASP B 29 18.54 -3.31 -5.81
C ASP B 29 17.72 -2.67 -4.70
N PRO B 30 18.15 -1.53 -4.16
CA PRO B 30 17.37 -0.87 -3.09
C PRO B 30 16.12 -0.17 -3.58
N TYR B 31 15.96 0.03 -4.89
CA TYR B 31 14.79 0.69 -5.47
C TYR B 31 14.14 -0.27 -6.46
N PRO B 32 13.42 -1.27 -5.96
CA PRO B 32 12.80 -2.24 -6.88
C PRO B 32 11.58 -1.64 -7.56
N GLY B 33 11.38 -2.03 -8.83
CA GLY B 33 10.21 -1.62 -9.56
C GLY B 33 8.98 -2.37 -9.09
N ILE B 34 7.84 -2.01 -9.69
CA ILE B 34 6.58 -2.64 -9.31
C ILE B 34 6.59 -4.13 -9.64
N GLY B 35 7.27 -4.49 -10.74
CA GLY B 35 7.35 -5.90 -11.11
C GLY B 35 8.10 -6.73 -10.08
N VAL B 36 9.25 -6.21 -9.63
CA VAL B 36 10.05 -6.94 -8.64
C VAL B 36 9.34 -7.00 -7.30
N ARG B 37 8.65 -5.92 -6.93
CA ARG B 37 7.89 -5.93 -5.68
C ARG B 37 6.73 -6.93 -5.74
N GLU B 38 6.04 -7.00 -6.88
CA GLU B 38 4.97 -7.98 -7.03
C GLU B 38 5.53 -9.40 -7.03
N HIS B 39 6.71 -9.59 -7.62
CA HIS B 39 7.35 -10.90 -7.61
C HIS B 39 7.68 -11.33 -6.17
N LEU B 40 8.28 -10.43 -5.39
CA LEU B 40 8.56 -10.73 -3.99
C LEU B 40 7.28 -10.99 -3.22
N ALA B 41 6.23 -10.22 -3.52
CA ALA B 41 4.94 -10.42 -2.86
C ALA B 41 4.40 -11.82 -3.11
N SER B 42 4.46 -12.28 -4.35
CA SER B 42 3.99 -13.63 -4.66
C SER B 42 4.92 -14.70 -4.10
N LEU B 43 6.21 -14.39 -3.99
CA LEU B 43 7.18 -15.39 -3.54
C LEU B 43 7.06 -15.63 -2.04
N ILE B 44 7.14 -14.57 -1.24
CA ILE B 44 7.12 -14.74 0.22
C ILE B 44 5.72 -14.58 0.81
N GLN B 45 4.70 -14.41 -0.03
CA GLN B 45 3.30 -14.30 0.40
C GLN B 45 3.13 -13.16 1.42
N ILE B 46 3.43 -11.95 0.96
CA ILE B 46 3.27 -10.72 1.73
C ILE B 46 2.66 -9.68 0.80
N PRO B 47 1.70 -8.87 1.24
CA PRO B 47 1.15 -7.83 0.35
C PRO B 47 2.25 -6.90 -0.16
N GLU B 48 2.08 -6.46 -1.41
CA GLU B 48 3.11 -5.67 -2.07
C GLU B 48 3.32 -4.33 -1.38
N SER B 49 2.25 -3.72 -0.86
CA SER B 49 2.38 -2.47 -0.12
C SER B 49 3.26 -2.66 1.11
N ARG B 50 3.13 -3.81 1.78
CA ARG B 50 3.98 -4.10 2.94
C ARG B 50 5.44 -4.16 2.54
N ILE B 51 5.73 -4.71 1.36
CA ILE B 51 7.11 -4.81 0.90
C ILE B 51 7.65 -3.43 0.51
N GLN B 52 6.81 -2.59 -0.10
CA GLN B 52 7.22 -1.22 -0.39
C GLN B 52 7.55 -0.46 0.89
N VAL B 53 6.71 -0.62 1.92
CA VAL B 53 6.97 0.01 3.21
C VAL B 53 8.26 -0.53 3.83
N TRP B 54 8.48 -1.84 3.72
CA TRP B 54 9.70 -2.43 4.26
C TRP B 54 10.94 -1.87 3.57
N PHE B 55 10.90 -1.75 2.25
CA PHE B 55 12.03 -1.19 1.52
C PHE B 55 12.26 0.27 1.90
N GLN B 56 11.18 1.05 2.06
CA GLN B 56 11.35 2.45 2.45
C GLN B 56 11.96 2.56 3.84
N ASN B 57 11.50 1.74 4.78
CA ASN B 57 12.07 1.75 6.13
C ASN B 57 13.54 1.34 6.10
N ARG B 58 13.87 0.32 5.31
CA ARG B 58 15.25 -0.13 5.21
C ARG B 58 16.15 0.98 4.68
N ARG B 59 15.77 1.58 3.54
CA ARG B 59 16.53 2.69 2.99
C ARG B 59 16.62 3.85 3.96
N ALA B 60 15.60 4.05 4.80
CA ALA B 60 15.65 5.12 5.78
C ALA B 60 16.67 4.83 6.86
N ARG B 61 16.71 3.60 7.38
CA ARG B 61 17.66 3.27 8.47
C ARG B 61 19.09 3.34 7.93
N GLN B 62 19.32 3.05 6.65
CA GLN B 62 20.66 3.23 6.09
C GLN B 62 20.61 3.98 4.77
#